data_7W29
#
_entry.id   7W29
#
_cell.length_a   60.467
_cell.length_b   77.668
_cell.length_c   112.054
_cell.angle_alpha   90.000
_cell.angle_beta   90.000
_cell.angle_gamma   90.000
#
_symmetry.space_group_name_H-M   'P 21 21 21'
#
loop_
_entity.id
_entity.type
_entity.pdbx_description
1 polymer 'Actin, cytoplasmic 1, N-terminally processed'
2 polymer 'Histone-lysine N-methyltransferase setd3'
3 non-polymer S-ADENOSYL-L-HOMOCYSTEINE
4 water water
#
loop_
_entity_poly.entity_id
_entity_poly.type
_entity_poly.pdbx_seq_one_letter_code
_entity_poly.pdbx_strand_id
1 'polypeptide(L)' TLKYPIE(ORN)GIVTNWDD P
2 'polypeptide(L)'
;SMGKKSRVKTQKSGTGATATVSPKEILNLTSELLQKCSSPAPGPGKEWEEYVQIRTLVEKIRKKQKGLSVTFDGKREDYF
PDLMKWASENGASVEGFEMVNFKEEGFGLRATRDIKAEELFLWVPRKLLMTVESAKNSVLGPLYSQDRILQAMGNIALAF
HLLCERASPNSFWQPYIQTLPSEYDTPLYFEEDEVRYLQSTQAIHDVFSQYKNTARQYAYFYKVIQTHPHANKLPLKDSF
TYEDYRWAVSSVMTRQNQIPTEDGSRVTLALIPLWDMCNHTNGLITTGYNLEDDRCECVALQDFRAGEQIYIFYGTRSNA
EFVIHSGFFFDNNSHDRVKIKLGVSKSDRLYAMKAEVLARAGIPTSSVFALHFTEPPISAQLLAFLRVFCMTEEELKEHL
LGDSAIDRIFTLGNSEFPVSWDNEVKLWTFLEDRASLLLKTYKTTIEEDKSVLKNHDLSVRAKMAIKLRLGEKEILEKAV
KSAAVNREYYRQQMEEKAP
;
A
#
# COMPACT_ATOMS: atom_id res chain seq x y z
N THR A 1 11.89 -16.09 16.81
CA THR A 1 10.93 -15.37 15.99
C THR A 1 10.69 -13.97 16.56
N LEU A 2 10.55 -12.99 15.68
CA LEU A 2 10.21 -11.62 16.10
C LEU A 2 8.77 -11.58 16.56
N LYS A 3 8.54 -11.12 17.80
CA LYS A 3 7.19 -11.13 18.34
C LYS A 3 6.33 -10.03 17.69
N TYR A 4 6.94 -8.92 17.27
CA TYR A 4 6.23 -7.80 16.65
C TYR A 4 6.98 -7.37 15.39
N PRO A 5 6.79 -8.08 14.28
CA PRO A 5 7.41 -7.63 13.02
C PRO A 5 6.80 -6.32 12.55
N ILE A 6 7.65 -5.44 12.03
CA ILE A 6 7.27 -4.09 11.64
C ILE A 6 7.33 -3.98 10.11
N GLU A 7 6.21 -3.64 9.50
CA GLU A 7 6.16 -3.44 8.06
C GLU A 7 6.35 -1.96 7.72
N ORN A 8 7.26 -1.69 6.79
CA ORN A 8 7.57 -0.32 6.41
CB ORN A 8 8.95 -0.29 5.77
CG ORN A 8 9.63 1.07 5.88
CD ORN A 8 9.37 1.96 4.66
NE ORN A 8 10.18 3.17 4.73
C ORN A 8 6.53 0.19 5.41
O ORN A 8 6.45 -0.34 4.28
N GLY A 9 5.78 1.22 5.79
CA GLY A 9 4.78 1.79 4.90
C GLY A 9 3.57 0.91 4.72
N ILE A 10 3.16 0.24 5.80
CA ILE A 10 2.02 -0.66 5.76
C ILE A 10 0.79 0.08 5.25
N VAL A 11 -0.03 -0.62 4.47
CA VAL A 11 -1.21 0.00 3.89
C VAL A 11 -2.31 0.09 4.94
N THR A 12 -2.90 1.26 5.07
CA THR A 12 -4.07 1.47 5.90
C THR A 12 -5.21 1.99 5.04
N ASN A 13 -6.43 1.83 5.55
CA ASN A 13 -7.61 2.34 4.87
C ASN A 13 -7.72 3.84 5.11
N TRP A 14 -7.74 4.62 4.03
CA TRP A 14 -7.86 6.07 4.11
C TRP A 14 -9.28 6.56 3.87
N ASP A 15 -10.21 5.67 3.53
CA ASP A 15 -11.61 6.06 3.34
C ASP A 15 -12.24 6.24 4.71
N ASP A 16 -12.35 7.50 5.14
CA ASP A 16 -12.97 7.83 6.42
C ASP A 16 -14.46 7.50 6.40
N SER B 22 -10.53 36.93 0.35
CA SER B 22 -9.81 35.76 -0.13
C SER B 22 -10.18 34.45 0.59
N PRO B 23 -10.25 34.45 1.93
CA PRO B 23 -10.65 33.21 2.62
C PRO B 23 -12.03 32.73 2.26
N LYS B 24 -12.94 33.65 1.88
CA LYS B 24 -14.31 33.25 1.59
C LYS B 24 -14.41 32.53 0.25
N GLU B 25 -13.59 32.93 -0.74
CA GLU B 25 -13.57 32.19 -2.00
C GLU B 25 -13.00 30.79 -1.81
N ILE B 26 -11.96 30.66 -0.98
CA ILE B 26 -11.44 29.34 -0.64
C ILE B 26 -12.49 28.52 0.08
N LEU B 27 -13.29 29.16 0.94
CA LEU B 27 -14.36 28.45 1.63
C LEU B 27 -15.43 27.97 0.66
N ASN B 28 -15.79 28.80 -0.32
CA ASN B 28 -16.77 28.37 -1.32
C ASN B 28 -16.23 27.20 -2.14
N LEU B 29 -14.98 27.30 -2.59
CA LEU B 29 -14.38 26.21 -3.35
C LEU B 29 -14.34 24.92 -2.53
N THR B 30 -13.97 25.02 -1.24
CA THR B 30 -13.92 23.84 -0.40
C THR B 30 -15.31 23.28 -0.12
N SER B 31 -16.32 24.14 -0.01
CA SER B 31 -17.67 23.63 0.17
C SER B 31 -18.12 22.86 -1.06
N GLU B 32 -17.83 23.38 -2.25
CA GLU B 32 -18.16 22.65 -3.46
C GLU B 32 -17.40 21.34 -3.55
N LEU B 33 -16.11 21.35 -3.17
CA LEU B 33 -15.31 20.13 -3.18
C LEU B 33 -15.86 19.10 -2.19
N LEU B 34 -16.26 19.55 -1.01
CA LEU B 34 -16.84 18.64 -0.03
C LEU B 34 -18.13 18.04 -0.54
N GLN B 35 -18.99 18.87 -1.15
CA GLN B 35 -20.27 18.35 -1.64
C GLN B 35 -20.05 17.35 -2.77
N LYS B 36 -19.13 17.64 -3.68
CA LYS B 36 -18.90 16.75 -4.81
C LYS B 36 -18.23 15.46 -4.37
N CYS B 37 -17.31 15.53 -3.42
CA CYS B 37 -16.61 14.36 -2.91
C CYS B 37 -17.41 13.59 -1.88
N SER B 38 -18.56 14.11 -1.45
CA SER B 38 -19.45 13.38 -0.53
C SER B 38 -20.63 12.76 -1.26
N SER B 39 -20.74 12.94 -2.57
CA SER B 39 -21.78 12.30 -3.34
C SER B 39 -21.51 10.79 -3.42
N PRO B 40 -22.55 9.99 -3.68
CA PRO B 40 -22.33 8.55 -3.83
C PRO B 40 -21.39 8.26 -5.00
N ALA B 41 -20.85 7.05 -5.01
CA ALA B 41 -19.97 6.64 -6.09
C ALA B 41 -20.73 6.70 -7.41
N PRO B 42 -20.18 7.32 -8.44
CA PRO B 42 -20.83 7.31 -9.75
C PRO B 42 -20.71 5.94 -10.40
N GLY B 43 -21.53 5.74 -11.44
CA GLY B 43 -21.54 4.48 -12.14
C GLY B 43 -20.23 4.19 -12.84
N PRO B 44 -20.04 2.94 -13.26
CA PRO B 44 -18.88 2.62 -14.09
C PRO B 44 -18.90 3.43 -15.38
N GLY B 45 -17.74 3.95 -15.77
CA GLY B 45 -17.62 4.77 -16.95
C GLY B 45 -17.68 6.26 -16.67
N LYS B 46 -18.43 6.67 -15.64
CA LYS B 46 -18.39 8.06 -15.20
C LYS B 46 -17.27 8.30 -14.20
N GLU B 47 -16.74 7.25 -13.58
CA GLU B 47 -15.68 7.39 -12.59
C GLU B 47 -14.58 8.33 -13.07
N TRP B 48 -13.90 7.97 -14.17
CA TRP B 48 -12.86 8.81 -14.72
C TRP B 48 -13.32 10.26 -14.81
N GLU B 49 -14.47 10.50 -15.44
CA GLU B 49 -14.99 11.87 -15.54
C GLU B 49 -15.03 12.54 -14.17
N GLU B 50 -15.68 11.89 -13.19
CA GLU B 50 -15.71 12.44 -11.83
C GLU B 50 -14.31 12.76 -11.34
N TYR B 51 -13.39 11.83 -11.50
CA TYR B 51 -12.00 12.09 -11.13
C TYR B 51 -11.51 13.39 -11.75
N VAL B 52 -11.61 13.52 -13.08
CA VAL B 52 -11.18 14.73 -13.74
C VAL B 52 -11.87 15.94 -13.13
N GLN B 53 -13.20 15.84 -12.95
CA GLN B 53 -13.93 16.93 -12.32
C GLN B 53 -13.29 17.32 -11.00
N ILE B 54 -13.10 16.34 -10.11
CA ILE B 54 -12.47 16.63 -8.83
C ILE B 54 -11.12 17.30 -9.06
N ARG B 55 -10.29 16.71 -9.93
CA ARG B 55 -9.00 17.31 -10.24
C ARG B 55 -9.15 18.80 -10.54
N THR B 56 -10.05 19.13 -11.47
CA THR B 56 -10.28 20.52 -11.84
C THR B 56 -10.41 21.38 -10.59
N LEU B 57 -11.39 21.06 -9.75
CA LEU B 57 -11.63 21.89 -8.56
C LEU B 57 -10.36 22.00 -7.72
N VAL B 58 -9.72 20.86 -7.43
CA VAL B 58 -8.50 20.87 -6.62
C VAL B 58 -7.48 21.81 -7.24
N GLU B 59 -7.27 21.70 -8.56
CA GLU B 59 -6.28 22.55 -9.21
C GLU B 59 -6.57 24.02 -8.98
N LYS B 60 -7.84 24.43 -9.11
CA LYS B 60 -8.18 25.81 -8.83
C LYS B 60 -7.78 26.19 -7.42
N ILE B 61 -8.15 25.37 -6.43
CA ILE B 61 -7.76 25.62 -5.05
C ILE B 61 -6.24 25.65 -4.95
N ARG B 62 -5.56 24.74 -5.65
CA ARG B 62 -4.10 24.72 -5.58
C ARG B 62 -3.50 25.94 -6.24
N LYS B 63 -4.20 26.51 -7.24
CA LYS B 63 -3.63 27.62 -7.99
C LYS B 63 -3.77 28.95 -7.27
N LYS B 64 -4.67 29.04 -6.29
CA LYS B 64 -4.84 30.25 -5.49
C LYS B 64 -4.13 30.20 -4.15
N GLN B 65 -3.46 29.10 -3.84
CA GLN B 65 -2.66 28.97 -2.62
C GLN B 65 -1.18 29.00 -2.98
N LYS B 66 -0.34 28.98 -1.94
CA LYS B 66 1.09 29.21 -2.09
C LYS B 66 1.90 27.94 -1.90
N GLY B 67 1.33 26.78 -2.22
CA GLY B 67 2.03 25.53 -2.00
C GLY B 67 2.10 25.19 -0.52
N LEU B 68 3.22 24.61 -0.11
CA LEU B 68 3.41 24.29 1.29
C LEU B 68 3.47 25.55 2.13
N SER B 69 2.83 25.52 3.30
CA SER B 69 2.81 26.69 4.17
C SER B 69 4.16 26.95 4.81
N VAL B 70 4.91 25.90 5.11
CA VAL B 70 6.23 26.01 5.72
C VAL B 70 7.24 25.33 4.81
N THR B 71 8.27 26.06 4.40
CA THR B 71 9.36 25.52 3.60
C THR B 71 10.68 25.86 4.28
N PHE B 72 11.69 25.04 4.01
CA PHE B 72 13.02 25.20 4.59
C PHE B 72 14.00 25.52 3.47
N ASP B 73 14.71 26.64 3.61
CA ASP B 73 15.65 27.07 2.58
C ASP B 73 16.82 26.11 2.49
N GLY B 74 17.25 25.83 1.26
CA GLY B 74 18.33 24.90 1.03
C GLY B 74 17.84 23.53 0.61
N LYS B 75 18.77 22.59 0.57
CA LYS B 75 18.49 21.23 0.13
C LYS B 75 18.39 20.30 1.32
N ARG B 76 17.79 19.12 1.08
CA ARG B 76 17.48 18.19 2.17
C ARG B 76 18.74 17.74 2.90
N GLU B 77 19.80 17.43 2.14
CA GLU B 77 21.00 16.85 2.74
C GLU B 77 21.60 17.76 3.80
N ASP B 78 21.48 19.08 3.64
CA ASP B 78 21.99 20.03 4.62
C ASP B 78 21.42 19.78 6.01
N TYR B 79 20.32 19.05 6.13
CA TYR B 79 19.68 18.79 7.41
C TYR B 79 19.97 17.40 7.96
N PHE B 80 20.69 16.55 7.22
CA PHE B 80 20.89 15.17 7.66
C PHE B 80 21.82 15.05 8.87
N PRO B 81 22.89 15.85 8.99
CA PRO B 81 23.66 15.80 10.24
C PRO B 81 22.83 16.03 11.49
N ASP B 82 22.09 17.14 11.54
CA ASP B 82 21.24 17.43 12.71
C ASP B 82 20.40 16.23 13.11
N LEU B 83 19.64 15.68 12.15
CA LEU B 83 18.89 14.45 12.39
C LEU B 83 19.73 13.44 13.14
N MET B 84 20.85 13.02 12.53
CA MET B 84 21.77 12.10 13.19
C MET B 84 22.06 12.56 14.61
N LYS B 85 22.57 13.79 14.74
CA LYS B 85 22.83 14.36 16.05
C LYS B 85 21.64 14.20 16.97
N TRP B 86 20.47 14.67 16.51
CA TRP B 86 19.25 14.54 17.29
C TRP B 86 19.04 13.09 17.73
N ALA B 87 19.03 12.16 16.76
CA ALA B 87 18.86 10.75 17.10
C ALA B 87 19.93 10.32 18.10
N SER B 88 21.18 10.69 17.84
CA SER B 88 22.26 10.29 18.73
C SER B 88 21.98 10.71 20.16
N GLU B 89 21.42 11.91 20.35
CA GLU B 89 21.25 12.44 21.68
C GLU B 89 20.00 11.90 22.37
N ASN B 90 19.27 11.00 21.73
CA ASN B 90 18.08 10.41 22.35
C ASN B 90 18.14 8.90 22.46
N GLY B 91 19.30 8.31 22.25
CA GLY B 91 19.49 6.88 22.46
C GLY B 91 19.41 6.01 21.24
N ALA B 92 19.43 6.58 20.05
CA ALA B 92 19.37 5.79 18.83
C ALA B 92 20.77 5.42 18.36
N SER B 93 20.85 4.34 17.58
CA SER B 93 22.09 3.95 16.94
C SER B 93 22.44 4.92 15.82
N VAL B 94 23.66 5.45 15.86
CA VAL B 94 24.12 6.37 14.83
C VAL B 94 25.47 5.92 14.30
N GLU B 95 25.93 4.76 14.74
CA GLU B 95 27.23 4.23 14.34
C GLU B 95 27.05 3.18 13.26
N GLY B 96 27.81 3.33 12.17
CA GLY B 96 27.88 2.33 11.13
C GLY B 96 27.24 2.69 9.80
N PHE B 97 26.59 3.85 9.70
CA PHE B 97 25.92 4.20 8.45
C PHE B 97 25.93 5.71 8.27
N GLU B 98 25.63 6.13 7.03
CA GLU B 98 25.57 7.54 6.70
C GLU B 98 24.47 7.76 5.69
N MET B 99 24.00 9.01 5.60
CA MET B 99 22.95 9.39 4.66
C MET B 99 23.59 9.74 3.33
N VAL B 100 23.18 9.05 2.26
CA VAL B 100 23.81 9.19 0.96
C VAL B 100 22.73 9.22 -0.13
N ASN B 101 22.96 10.03 -1.16
CA ASN B 101 22.09 10.05 -2.32
C ASN B 101 22.47 8.93 -3.28
N PHE B 102 21.47 8.17 -3.72
CA PHE B 102 21.63 7.15 -4.74
C PHE B 102 20.75 7.51 -5.92
N LYS B 103 21.23 7.21 -7.14
CA LYS B 103 20.50 7.58 -8.34
C LYS B 103 19.19 6.81 -8.47
N GLU B 104 19.26 5.48 -8.31
CA GLU B 104 18.11 4.63 -8.57
C GLU B 104 17.12 4.54 -7.41
N GLU B 105 17.41 5.16 -6.26
CA GLU B 105 16.57 5.00 -5.09
C GLU B 105 16.36 6.27 -4.28
N GLY B 106 17.04 7.37 -4.59
CA GLY B 106 16.96 8.54 -3.75
C GLY B 106 17.90 8.44 -2.57
N PHE B 107 17.58 9.18 -1.51
CA PHE B 107 18.44 9.13 -0.34
C PHE B 107 18.24 7.82 0.42
N GLY B 108 19.31 7.36 1.05
CA GLY B 108 19.27 6.11 1.78
C GLY B 108 20.48 5.97 2.68
N LEU B 109 20.55 4.81 3.33
CA LEU B 109 21.64 4.51 4.26
C LEU B 109 22.76 3.77 3.54
N ARG B 110 23.99 4.20 3.77
CA ARG B 110 25.18 3.55 3.23
C ARG B 110 26.06 3.10 4.39
N ALA B 111 26.47 1.84 4.36
CA ALA B 111 27.31 1.29 5.42
C ALA B 111 28.70 1.92 5.38
N THR B 112 29.15 2.42 6.53
CA THR B 112 30.51 2.92 6.66
C THR B 112 31.46 1.83 7.13
N ARG B 113 30.93 0.71 7.58
CA ARG B 113 31.70 -0.39 8.13
C ARG B 113 31.01 -1.68 7.75
N ASP B 114 31.79 -2.76 7.63
CA ASP B 114 31.25 -4.08 7.35
C ASP B 114 30.16 -4.43 8.35
N ILE B 115 29.01 -4.86 7.84
CA ILE B 115 27.88 -5.29 8.66
C ILE B 115 27.53 -6.72 8.25
N LYS B 116 27.57 -7.64 9.21
CA LYS B 116 27.23 -9.03 8.95
C LYS B 116 25.72 -9.22 8.95
N ALA B 117 25.27 -10.25 8.24
CA ALA B 117 23.86 -10.59 8.23
C ALA B 117 23.41 -10.94 9.64
N GLU B 118 22.15 -10.61 9.96
CA GLU B 118 21.50 -10.80 11.25
C GLU B 118 22.10 -9.93 12.35
N GLU B 119 23.03 -9.03 12.04
CA GLU B 119 23.61 -8.18 13.07
C GLU B 119 22.68 -7.02 13.38
N LEU B 120 22.35 -6.86 14.67
CA LEU B 120 21.59 -5.70 15.11
C LEU B 120 22.37 -4.43 14.82
N PHE B 121 21.89 -3.62 13.88
CA PHE B 121 22.59 -2.42 13.48
C PHE B 121 21.77 -1.15 13.57
N LEU B 122 20.44 -1.23 13.75
CA LEU B 122 19.65 -0.01 13.81
C LEU B 122 18.66 -0.10 14.96
N TRP B 123 18.60 0.93 15.80
CA TRP B 123 17.58 0.96 16.86
C TRP B 123 17.16 2.39 17.13
N VAL B 124 15.86 2.56 17.34
CA VAL B 124 15.24 3.88 17.50
C VAL B 124 14.29 3.85 18.69
N PRO B 125 14.56 4.60 19.76
CA PRO B 125 13.66 4.57 20.92
C PRO B 125 12.34 5.28 20.65
N ARG B 126 11.35 4.97 21.49
CA ARG B 126 9.99 5.46 21.27
C ARG B 126 9.91 6.98 21.35
N LYS B 127 10.74 7.61 22.18
CA LYS B 127 10.67 9.06 22.34
C LYS B 127 10.93 9.78 21.03
N LEU B 128 11.71 9.17 20.13
CA LEU B 128 11.96 9.76 18.83
C LEU B 128 10.80 9.57 17.86
N LEU B 129 9.92 8.60 18.11
CA LEU B 129 8.89 8.29 17.15
C LEU B 129 7.76 9.32 17.19
N MET B 130 7.04 9.42 16.07
CA MET B 130 5.81 10.20 15.96
C MET B 130 4.65 9.22 15.83
N THR B 131 3.83 9.15 16.86
CA THR B 131 2.72 8.20 16.91
C THR B 131 1.40 8.95 17.03
N VAL B 132 0.31 8.17 17.04
CA VAL B 132 -0.99 8.75 17.37
C VAL B 132 -1.01 9.19 18.83
N GLU B 133 -0.23 8.53 19.69
CA GLU B 133 -0.19 8.90 21.10
C GLU B 133 0.50 10.24 21.30
N SER B 134 1.62 10.46 20.63
CA SER B 134 2.27 11.76 20.69
C SER B 134 1.43 12.84 20.00
N ALA B 135 0.57 12.45 19.07
CA ALA B 135 -0.34 13.42 18.46
C ALA B 135 -1.41 13.84 19.45
N LYS B 136 -1.96 12.89 20.21
CA LYS B 136 -3.00 13.21 21.18
C LYS B 136 -2.49 14.16 22.27
N ASN B 137 -1.21 14.06 22.62
CA ASN B 137 -0.63 14.88 23.68
C ASN B 137 0.18 16.04 23.12
N SER B 138 0.01 16.36 21.84
CA SER B 138 0.68 17.48 21.21
C SER B 138 -0.26 18.68 21.21
N VAL B 139 0.04 19.68 20.38
CA VAL B 139 -0.84 20.84 20.24
C VAL B 139 -2.16 20.45 19.59
N LEU B 140 -2.19 19.31 18.88
CA LEU B 140 -3.40 18.82 18.23
C LEU B 140 -4.40 18.20 19.20
N GLY B 141 -4.00 18.03 20.46
CA GLY B 141 -4.80 17.32 21.44
C GLY B 141 -6.25 17.71 21.56
N PRO B 142 -6.52 19.01 21.80
CA PRO B 142 -7.92 19.44 21.91
C PRO B 142 -8.76 19.16 20.67
N LEU B 143 -8.27 19.55 19.48
CA LEU B 143 -9.01 19.26 18.26
C LEU B 143 -9.20 17.76 18.07
N TYR B 144 -8.17 16.98 18.37
CA TYR B 144 -8.29 15.52 18.29
C TYR B 144 -9.41 15.02 19.20
N SER B 145 -9.47 15.53 20.43
CA SER B 145 -10.53 15.14 21.35
C SER B 145 -11.90 15.65 20.90
N GLN B 146 -11.95 16.61 19.97
CA GLN B 146 -13.22 17.13 19.49
C GLN B 146 -13.62 16.64 18.11
N ASP B 147 -12.67 16.29 17.24
CA ASP B 147 -12.97 15.94 15.86
C ASP B 147 -13.17 14.44 15.70
N ARG B 148 -14.28 14.06 15.07
CA ARG B 148 -14.62 12.64 14.93
C ARG B 148 -13.70 11.93 13.95
N ILE B 149 -13.33 12.58 12.86
CA ILE B 149 -12.52 11.93 11.84
C ILE B 149 -11.13 11.64 12.38
N LEU B 150 -10.55 12.58 13.14
CA LEU B 150 -9.26 12.33 13.76
C LEU B 150 -9.34 11.15 14.73
N GLN B 151 -10.45 11.06 15.48
CA GLN B 151 -10.61 9.95 16.42
C GLN B 151 -10.75 8.61 15.71
N ALA B 152 -11.39 8.58 14.54
CA ALA B 152 -11.58 7.33 13.85
C ALA B 152 -10.36 6.95 13.00
N MET B 153 -9.67 7.94 12.43
CA MET B 153 -8.62 7.70 11.45
C MET B 153 -7.27 8.03 12.06
N GLY B 154 -6.55 7.00 12.51
CA GLY B 154 -5.24 7.22 13.10
C GLY B 154 -4.24 7.77 12.12
N ASN B 155 -4.35 7.38 10.84
CA ASN B 155 -3.40 7.85 9.84
C ASN B 155 -3.61 9.32 9.53
N ILE B 156 -4.86 9.76 9.39
CA ILE B 156 -5.13 11.18 9.18
C ILE B 156 -4.68 11.98 10.40
N ALA B 157 -4.85 11.41 11.60
CA ALA B 157 -4.37 12.07 12.81
C ALA B 157 -2.86 12.21 12.80
N LEU B 158 -2.14 11.19 12.33
CA LEU B 158 -0.69 11.29 12.25
C LEU B 158 -0.27 12.31 11.21
N ALA B 159 -1.00 12.38 10.09
CA ALA B 159 -0.71 13.38 9.07
C ALA B 159 -0.87 14.79 9.61
N PHE B 160 -1.92 15.03 10.38
CA PHE B 160 -2.11 16.37 10.93
C PHE B 160 -1.12 16.66 12.06
N HIS B 161 -0.73 15.64 12.83
CA HIS B 161 0.35 15.81 13.79
C HIS B 161 1.63 16.26 13.08
N LEU B 162 1.94 15.62 11.96
CA LEU B 162 3.10 16.01 11.16
C LEU B 162 2.97 17.44 10.66
N LEU B 163 1.78 17.80 10.15
CA LEU B 163 1.56 19.17 9.70
C LEU B 163 1.78 20.17 10.83
N CYS B 164 1.19 19.91 12.00
CA CYS B 164 1.27 20.85 13.10
C CYS B 164 2.68 21.00 13.62
N GLU B 165 3.43 19.88 13.71
CA GLU B 165 4.81 19.97 14.16
C GLU B 165 5.70 20.65 13.13
N ARG B 166 5.39 20.49 11.84
CA ARG B 166 6.15 21.17 10.80
C ARG B 166 6.02 22.69 10.92
N ALA B 167 4.83 23.17 11.27
CA ALA B 167 4.60 24.60 11.43
C ALA B 167 5.01 25.12 12.81
N SER B 168 5.49 24.25 13.70
CA SER B 168 5.96 24.69 15.01
C SER B 168 7.46 24.94 14.93
N PRO B 169 7.93 26.17 15.16
CA PRO B 169 9.36 26.45 15.00
C PRO B 169 10.25 25.63 15.92
N ASN B 170 9.80 25.33 17.14
CA ASN B 170 10.64 24.62 18.09
C ASN B 170 10.08 23.25 18.43
N SER B 171 9.65 22.50 17.41
CA SER B 171 9.15 21.15 17.64
C SER B 171 10.29 20.18 17.96
N PHE B 172 9.98 19.19 18.79
CA PHE B 172 10.97 18.18 19.14
C PHE B 172 11.39 17.37 17.92
N TRP B 173 10.47 17.14 16.99
CA TRP B 173 10.74 16.37 15.79
C TRP B 173 11.21 17.21 14.62
N GLN B 174 11.51 18.49 14.85
CA GLN B 174 11.93 19.37 13.77
C GLN B 174 13.13 18.85 12.99
N PRO B 175 14.19 18.30 13.62
CA PRO B 175 15.28 17.74 12.82
C PRO B 175 14.84 16.61 11.91
N TYR B 176 13.82 15.85 12.32
CA TYR B 176 13.32 14.77 11.47
C TYR B 176 12.43 15.31 10.36
N ILE B 177 11.57 16.28 10.67
CA ILE B 177 10.67 16.83 9.68
C ILE B 177 11.45 17.56 8.58
N GLN B 178 12.50 18.29 8.98
CA GLN B 178 13.28 19.03 7.98
C GLN B 178 14.07 18.13 7.05
N THR B 179 14.10 16.82 7.29
CA THR B 179 14.73 15.86 6.40
C THR B 179 13.73 15.13 5.53
N LEU B 180 12.43 15.36 5.73
CA LEU B 180 11.42 14.69 4.93
C LEU B 180 11.40 15.26 3.52
N PRO B 181 11.01 14.47 2.52
CA PRO B 181 10.91 14.98 1.16
C PRO B 181 9.84 16.06 1.05
N SER B 182 10.02 16.96 0.10
CA SER B 182 9.06 18.02 -0.14
C SER B 182 8.00 17.63 -1.17
N GLU B 183 8.14 16.48 -1.80
CA GLU B 183 7.15 15.97 -2.75
C GLU B 183 7.35 14.47 -2.88
N TYR B 184 6.37 13.82 -3.50
CA TYR B 184 6.39 12.37 -3.66
C TYR B 184 5.91 12.02 -5.06
N ASP B 185 6.01 10.74 -5.39
CA ASP B 185 5.53 10.21 -6.66
C ASP B 185 4.27 9.35 -6.47
N THR B 186 3.48 9.67 -5.46
CA THR B 186 2.17 9.04 -5.30
C THR B 186 1.23 9.60 -6.37
N PRO B 187 0.14 8.88 -6.68
CA PRO B 187 -0.79 9.37 -7.71
C PRO B 187 -1.41 10.73 -7.39
N LEU B 188 -1.36 11.18 -6.13
CA LEU B 188 -1.84 12.52 -5.80
C LEU B 188 -1.01 13.61 -6.48
N TYR B 189 0.21 13.28 -6.89
CA TYR B 189 1.09 14.22 -7.57
C TYR B 189 1.11 14.03 -9.08
N PHE B 190 0.39 13.04 -9.60
CA PHE B 190 0.41 12.75 -11.02
C PHE B 190 -0.30 13.85 -11.80
N GLU B 191 0.21 14.13 -13.00
CA GLU B 191 -0.58 14.88 -13.97
C GLU B 191 -1.69 14.00 -14.51
N GLU B 192 -2.69 14.64 -15.11
CA GLU B 192 -3.88 13.91 -15.55
C GLU B 192 -3.53 12.88 -16.62
N ASP B 193 -2.74 13.27 -17.61
CA ASP B 193 -2.37 12.34 -18.67
C ASP B 193 -1.48 11.21 -18.17
N GLU B 194 -0.78 11.41 -17.06
CA GLU B 194 -0.05 10.30 -16.45
C GLU B 194 -1.02 9.28 -15.84
N VAL B 195 -2.13 9.75 -15.28
CA VAL B 195 -3.14 8.84 -14.77
C VAL B 195 -3.89 8.15 -15.90
N ARG B 196 -4.06 8.84 -17.03
CA ARG B 196 -4.79 8.26 -18.16
C ARG B 196 -4.14 6.97 -18.64
N TYR B 197 -2.84 6.82 -18.43
CA TYR B 197 -2.16 5.58 -18.79
C TYR B 197 -2.75 4.38 -18.07
N LEU B 198 -3.32 4.59 -16.87
CA LEU B 198 -3.83 3.51 -16.04
C LEU B 198 -5.27 3.13 -16.36
N GLN B 199 -5.88 3.69 -17.39
CA GLN B 199 -7.27 3.38 -17.68
C GLN B 199 -7.43 1.90 -18.01
N SER B 200 -8.54 1.32 -17.53
CA SER B 200 -8.91 -0.09 -17.72
C SER B 200 -8.08 -1.05 -16.88
N THR B 201 -7.40 -0.55 -15.85
CA THR B 201 -6.71 -1.40 -14.89
C THR B 201 -7.52 -1.48 -13.59
N GLN B 202 -7.12 -2.40 -12.73
CA GLN B 202 -7.69 -2.43 -11.37
C GLN B 202 -7.17 -1.26 -10.56
N ALA B 203 -5.84 -1.08 -10.59
CA ALA B 203 -5.17 -0.10 -9.72
C ALA B 203 -5.78 1.29 -9.84
N ILE B 204 -6.17 1.68 -11.06
CA ILE B 204 -6.65 3.05 -11.26
C ILE B 204 -7.82 3.34 -10.34
N HIS B 205 -8.67 2.34 -10.08
CA HIS B 205 -9.79 2.58 -9.18
C HIS B 205 -9.30 3.02 -7.81
N ASP B 206 -8.33 2.29 -7.25
CA ASP B 206 -7.71 2.72 -6.01
C ASP B 206 -7.18 4.14 -6.14
N VAL B 207 -6.49 4.44 -7.25
CA VAL B 207 -6.05 5.81 -7.50
C VAL B 207 -7.21 6.77 -7.31
N PHE B 208 -8.31 6.54 -8.04
CA PHE B 208 -9.51 7.35 -7.86
C PHE B 208 -9.83 7.51 -6.38
N SER B 209 -10.01 6.38 -5.69
CA SER B 209 -10.32 6.40 -4.26
C SER B 209 -9.39 7.38 -3.54
N GLN B 210 -8.09 7.15 -3.66
CA GLN B 210 -7.11 8.00 -2.99
C GLN B 210 -7.46 9.46 -3.21
N TYR B 211 -7.48 9.87 -4.48
CA TYR B 211 -7.76 11.27 -4.81
C TYR B 211 -9.01 11.73 -4.10
N LYS B 212 -10.13 11.04 -4.36
CA LYS B 212 -11.39 11.44 -3.78
C LYS B 212 -11.24 11.63 -2.28
N ASN B 213 -10.76 10.60 -1.60
CA ASN B 213 -10.61 10.67 -0.16
C ASN B 213 -9.87 11.94 0.23
N THR B 214 -8.66 12.10 -0.31
CA THR B 214 -7.84 13.26 0.06
C THR B 214 -8.65 14.54 -0.14
N ALA B 215 -9.23 14.71 -1.34
CA ALA B 215 -9.99 15.91 -1.62
C ALA B 215 -11.05 16.13 -0.56
N ARG B 216 -11.93 15.13 -0.37
CA ARG B 216 -12.99 15.27 0.61
C ARG B 216 -12.41 15.69 1.95
N GLN B 217 -11.39 14.95 2.41
CA GLN B 217 -10.83 15.21 3.72
C GLN B 217 -10.38 16.66 3.83
N TYR B 218 -9.65 17.15 2.81
CA TYR B 218 -9.22 18.53 2.85
C TYR B 218 -10.42 19.47 3.02
N ALA B 219 -11.42 19.33 2.15
CA ALA B 219 -12.58 20.21 2.21
C ALA B 219 -13.24 20.15 3.58
N TYR B 220 -13.23 18.96 4.19
CA TYR B 220 -13.75 18.85 5.55
C TYR B 220 -12.86 19.62 6.52
N PHE B 221 -11.58 19.25 6.59
CA PHE B 221 -10.76 19.73 7.68
C PHE B 221 -10.54 21.24 7.59
N TYR B 222 -10.32 21.76 6.38
CA TYR B 222 -10.26 23.20 6.21
C TYR B 222 -11.46 23.87 6.89
N LYS B 223 -12.67 23.43 6.55
CA LYS B 223 -13.86 23.97 7.20
C LYS B 223 -13.71 23.90 8.72
N VAL B 224 -13.37 22.71 9.23
CA VAL B 224 -13.18 22.54 10.68
C VAL B 224 -12.17 23.55 11.19
N ILE B 225 -11.01 23.65 10.51
CA ILE B 225 -9.96 24.54 11.00
C ILE B 225 -10.43 25.98 11.01
N GLN B 226 -11.34 26.34 10.11
CA GLN B 226 -11.80 27.73 10.06
C GLN B 226 -12.89 28.02 11.08
N THR B 227 -13.45 27.01 11.76
CA THR B 227 -14.56 27.27 12.66
C THR B 227 -14.35 26.79 14.08
N HIS B 228 -13.67 25.67 14.30
CA HIS B 228 -13.63 25.06 15.63
C HIS B 228 -12.74 25.89 16.56
N PRO B 229 -13.18 26.14 17.79
CA PRO B 229 -12.38 26.98 18.70
C PRO B 229 -11.07 26.34 19.14
N HIS B 230 -11.01 25.01 19.26
CA HIS B 230 -9.79 24.37 19.72
C HIS B 230 -8.68 24.37 18.68
N ALA B 231 -8.92 24.91 17.49
CA ALA B 231 -7.90 25.01 16.45
C ALA B 231 -7.37 26.43 16.29
N ASN B 232 -7.87 27.38 17.08
CA ASN B 232 -7.45 28.76 16.93
C ASN B 232 -5.98 28.96 17.31
N LYS B 233 -5.50 28.25 18.32
CA LYS B 233 -4.11 28.34 18.72
C LYS B 233 -3.22 27.38 17.94
N LEU B 234 -3.78 26.61 17.02
CA LEU B 234 -2.98 25.77 16.12
C LEU B 234 -2.36 26.63 15.02
N PRO B 235 -1.15 26.32 14.58
CA PRO B 235 -0.52 27.14 13.53
C PRO B 235 -1.20 26.99 12.18
N LEU B 236 -2.17 26.08 12.09
CA LEU B 236 -2.90 25.83 10.85
C LEU B 236 -4.03 26.82 10.61
N LYS B 237 -4.43 27.59 11.63
CA LYS B 237 -5.53 28.52 11.45
C LYS B 237 -5.17 29.62 10.46
N ASP B 238 -3.90 30.05 10.48
CA ASP B 238 -3.46 31.08 9.53
C ASP B 238 -3.42 30.53 8.10
N SER B 239 -2.75 29.40 7.91
CA SER B 239 -2.58 28.82 6.58
C SER B 239 -2.71 27.30 6.64
N PHE B 240 -3.57 26.75 5.78
CA PHE B 240 -3.72 25.30 5.65
C PHE B 240 -4.15 25.02 4.21
N THR B 241 -3.19 24.67 3.37
CA THR B 241 -3.39 24.52 1.93
C THR B 241 -3.59 23.06 1.56
N TYR B 242 -4.15 22.84 0.36
CA TYR B 242 -4.29 21.48 -0.14
C TYR B 242 -2.95 20.78 -0.26
N GLU B 243 -1.91 21.53 -0.67
CA GLU B 243 -0.59 20.92 -0.78
C GLU B 243 -0.06 20.49 0.57
N ASP B 244 -0.41 21.22 1.64
CA ASP B 244 -0.04 20.80 2.99
C ASP B 244 -0.62 19.43 3.31
N TYR B 245 -1.92 19.24 3.09
CA TYR B 245 -2.55 17.97 3.41
C TYR B 245 -2.07 16.85 2.50
N ARG B 246 -1.86 17.15 1.21
CA ARG B 246 -1.31 16.16 0.31
C ARG B 246 0.06 15.69 0.77
N TRP B 247 0.92 16.65 1.15
CA TRP B 247 2.24 16.29 1.66
C TRP B 247 2.12 15.46 2.93
N ALA B 248 1.24 15.86 3.86
CA ALA B 248 1.11 15.13 5.12
C ALA B 248 0.67 13.69 4.89
N VAL B 249 -0.39 13.50 4.10
CA VAL B 249 -0.90 12.15 3.90
C VAL B 249 0.05 11.32 3.06
N SER B 250 0.77 11.94 2.12
CA SER B 250 1.73 11.18 1.32
C SER B 250 2.94 10.79 2.15
N SER B 251 3.36 11.66 3.06
CA SER B 251 4.44 11.31 3.99
C SER B 251 4.01 10.16 4.88
N VAL B 252 2.77 10.20 5.36
CA VAL B 252 2.32 9.17 6.30
C VAL B 252 2.18 7.82 5.58
N MET B 253 1.51 7.80 4.43
CA MET B 253 1.33 6.52 3.74
C MET B 253 2.63 5.97 3.18
N THR B 254 3.62 6.84 2.94
CA THR B 254 4.94 6.37 2.55
C THR B 254 5.71 5.78 3.73
N ARG B 255 5.44 6.26 4.95
CA ARG B 255 6.31 5.98 6.09
C ARG B 255 5.62 5.47 7.35
N GLN B 256 4.31 5.23 7.34
CA GLN B 256 3.63 4.75 8.54
C GLN B 256 3.98 3.29 8.82
N ASN B 257 4.03 2.95 10.11
CA ASN B 257 4.30 1.57 10.52
C ASN B 257 3.45 1.23 11.73
N GLN B 258 3.12 -0.05 11.86
CA GLN B 258 2.37 -0.55 13.02
C GLN B 258 3.31 -1.04 14.10
N ILE B 259 3.13 -0.53 15.32
CA ILE B 259 3.97 -0.92 16.44
C ILE B 259 3.10 -1.14 17.66
N PRO B 260 3.54 -2.01 18.57
CA PRO B 260 2.78 -2.23 19.81
C PRO B 260 2.93 -1.06 20.76
N THR B 261 1.95 -0.94 21.65
CA THR B 261 2.04 0.04 22.71
C THR B 261 3.02 -0.45 23.78
N GLU B 262 3.23 0.38 24.80
CA GLU B 262 4.25 0.08 25.81
C GLU B 262 4.02 -1.27 26.46
N ASP B 263 2.78 -1.63 26.75
CA ASP B 263 2.50 -2.92 27.36
C ASP B 263 2.39 -4.04 26.33
N GLY B 264 2.23 -3.70 25.05
CA GLY B 264 2.09 -4.69 24.00
C GLY B 264 0.68 -5.16 23.74
N SER B 265 -0.31 -4.68 24.50
CA SER B 265 -1.67 -5.19 24.34
C SER B 265 -2.37 -4.61 23.11
N ARG B 266 -1.90 -3.47 22.58
CA ARG B 266 -2.59 -2.79 21.49
C ARG B 266 -1.59 -2.46 20.39
N VAL B 267 -2.10 -1.88 19.30
CA VAL B 267 -1.32 -1.49 18.14
C VAL B 267 -1.57 -0.02 17.86
N THR B 268 -0.54 0.66 17.35
CA THR B 268 -0.64 2.07 17.00
C THR B 268 0.22 2.32 15.77
N LEU B 269 0.01 3.49 15.15
CA LEU B 269 0.77 3.91 13.99
C LEU B 269 1.91 4.83 14.41
N ALA B 270 3.03 4.71 13.71
CA ALA B 270 4.24 5.42 14.10
C ALA B 270 5.09 5.74 12.89
N LEU B 271 5.93 6.77 13.04
CA LEU B 271 6.95 7.13 12.08
C LEU B 271 8.31 6.92 12.72
N ILE B 272 9.20 6.20 12.04
CA ILE B 272 10.48 5.82 12.63
C ILE B 272 11.60 6.58 11.93
N PRO B 273 12.17 7.60 12.57
CA PRO B 273 12.99 8.58 11.83
C PRO B 273 14.22 8.04 11.13
N LEU B 274 15.06 7.26 11.81
CA LEU B 274 16.30 6.82 11.18
C LEU B 274 16.06 5.66 10.23
N TRP B 275 15.30 4.66 10.69
CA TRP B 275 15.09 3.43 9.95
C TRP B 275 14.30 3.63 8.67
N ASP B 276 13.45 4.66 8.59
CA ASP B 276 12.61 4.86 7.41
C ASP B 276 13.36 5.49 6.24
N MET B 277 14.66 5.71 6.37
CA MET B 277 15.47 6.13 5.22
C MET B 277 16.01 4.95 4.44
N CYS B 278 15.91 3.73 4.97
CA CYS B 278 16.34 2.55 4.24
C CYS B 278 15.48 2.34 3.00
N ASN B 279 16.11 1.92 1.91
CA ASN B 279 15.39 1.57 0.70
C ASN B 279 15.05 0.08 0.70
N HIS B 280 14.30 -0.32 -0.32
CA HIS B 280 13.64 -1.63 -0.35
C HIS B 280 14.35 -2.59 -1.30
N THR B 281 14.35 -3.86 -0.93
CA THR B 281 14.76 -4.95 -1.80
C THR B 281 14.05 -6.21 -1.32
N ASN B 282 14.00 -7.21 -2.19
CA ASN B 282 13.34 -8.46 -1.82
C ASN B 282 14.05 -9.11 -0.64
N GLY B 283 13.28 -9.74 0.23
CA GLY B 283 13.87 -10.38 1.39
C GLY B 283 12.79 -10.69 2.43
N LEU B 284 13.20 -10.64 3.69
CA LEU B 284 12.34 -10.91 4.82
C LEU B 284 12.33 -9.72 5.76
N ILE B 285 11.28 -9.65 6.58
CA ILE B 285 11.18 -8.61 7.60
C ILE B 285 12.26 -8.86 8.66
N THR B 286 13.12 -7.86 8.88
CA THR B 286 14.14 -7.93 9.91
C THR B 286 14.00 -6.82 10.94
N THR B 287 12.80 -6.25 11.06
CA THR B 287 12.53 -5.13 11.97
C THR B 287 11.43 -5.54 12.95
N GLY B 288 11.74 -5.44 14.25
CA GLY B 288 10.77 -5.72 15.27
C GLY B 288 10.87 -4.71 16.40
N TYR B 289 9.89 -4.73 17.29
CA TYR B 289 9.87 -3.81 18.41
C TYR B 289 10.28 -4.52 19.70
N ASN B 290 11.20 -3.92 20.44
CA ASN B 290 11.64 -4.41 21.74
C ASN B 290 10.89 -3.63 22.81
N LEU B 291 9.97 -4.30 23.50
CA LEU B 291 9.17 -3.63 24.52
C LEU B 291 9.99 -3.34 25.77
N GLU B 292 10.88 -4.27 26.15
CA GLU B 292 11.66 -4.10 27.37
C GLU B 292 12.55 -2.87 27.26
N ASP B 293 13.28 -2.73 26.16
CA ASP B 293 14.08 -1.55 25.89
C ASP B 293 13.30 -0.48 25.14
N ASP B 294 12.03 -0.73 24.84
CA ASP B 294 11.11 0.25 24.22
C ASP B 294 11.75 0.94 23.02
N ARG B 295 12.06 0.15 22.00
CA ARG B 295 12.73 0.70 20.83
C ARG B 295 12.51 -0.20 19.63
N CYS B 296 12.38 0.43 18.48
CA CYS B 296 12.39 -0.31 17.23
C CYS B 296 13.81 -0.80 16.95
N GLU B 297 13.92 -2.02 16.40
CA GLU B 297 15.21 -2.66 16.16
C GLU B 297 15.20 -3.31 14.78
N CYS B 298 16.30 -3.13 14.04
CA CYS B 298 16.46 -3.67 12.71
C CYS B 298 17.83 -4.31 12.58
N VAL B 299 17.85 -5.57 12.16
CA VAL B 299 19.07 -6.33 11.91
C VAL B 299 19.29 -6.40 10.39
N ALA B 300 20.54 -6.64 10.01
CA ALA B 300 20.94 -6.57 8.61
C ALA B 300 20.27 -7.66 7.78
N LEU B 301 19.61 -7.25 6.70
CA LEU B 301 18.99 -8.21 5.78
C LEU B 301 20.01 -9.13 5.15
N GLN B 302 21.22 -8.63 4.89
CA GLN B 302 22.30 -9.43 4.33
C GLN B 302 23.62 -8.81 4.77
N ASP B 303 24.72 -9.38 4.29
CA ASP B 303 26.03 -8.81 4.57
C ASP B 303 26.22 -7.54 3.73
N PHE B 304 26.46 -6.42 4.40
CA PHE B 304 26.75 -5.15 3.74
C PHE B 304 28.18 -4.75 4.06
N ARG B 305 29.05 -4.74 3.05
CA ARG B 305 30.40 -4.27 3.26
C ARG B 305 30.42 -2.75 3.31
N ALA B 306 31.54 -2.21 3.80
CA ALA B 306 31.69 -0.77 3.91
C ALA B 306 31.56 -0.12 2.53
N GLY B 307 30.75 0.93 2.46
CA GLY B 307 30.48 1.59 1.20
C GLY B 307 29.30 1.03 0.42
N GLU B 308 28.71 -0.06 0.90
CA GLU B 308 27.58 -0.70 0.24
C GLU B 308 26.27 -0.19 0.85
N GLN B 309 25.24 -0.05 0.01
CA GLN B 309 23.96 0.46 0.47
C GLN B 309 23.25 -0.58 1.33
N ILE B 310 22.68 -0.12 2.44
CA ILE B 310 21.93 -0.96 3.35
C ILE B 310 20.46 -0.95 2.91
N TYR B 311 19.94 -2.12 2.55
CA TYR B 311 18.56 -2.31 2.17
C TYR B 311 17.81 -3.07 3.25
N ILE B 312 16.48 -2.92 3.25
CA ILE B 312 15.58 -3.75 4.01
C ILE B 312 14.47 -4.25 3.08
N PHE B 313 13.59 -5.09 3.63
CA PHE B 313 12.40 -5.57 2.93
C PHE B 313 11.20 -4.89 3.56
N TYR B 314 10.54 -4.02 2.81
CA TYR B 314 9.40 -3.28 3.35
C TYR B 314 8.27 -4.23 3.74
N GLY B 315 7.84 -5.08 2.82
CA GLY B 315 6.76 -6.00 3.07
C GLY B 315 6.33 -6.67 1.79
N THR B 316 5.41 -7.63 1.94
CA THR B 316 4.93 -8.42 0.81
C THR B 316 3.84 -7.69 0.05
N ARG B 317 4.08 -6.42 -0.30
CA ARG B 317 3.09 -5.60 -0.97
C ARG B 317 3.21 -5.73 -2.50
N SER B 318 2.09 -5.49 -3.16
CA SER B 318 2.04 -5.51 -4.62
C SER B 318 2.68 -4.26 -5.20
N ASN B 319 3.00 -4.33 -6.49
CA ASN B 319 3.51 -3.14 -7.18
C ASN B 319 2.46 -2.04 -7.25
N ALA B 320 1.18 -2.41 -7.32
CA ALA B 320 0.12 -1.41 -7.26
C ALA B 320 0.15 -0.68 -5.92
N GLU B 321 0.26 -1.43 -4.83
CA GLU B 321 0.34 -0.80 -3.51
C GLU B 321 1.60 0.03 -3.38
N PHE B 322 2.75 -0.49 -3.85
CA PHE B 322 3.99 0.27 -3.83
C PHE B 322 3.82 1.62 -4.52
N VAL B 323 3.27 1.61 -5.73
CA VAL B 323 3.10 2.84 -6.51
C VAL B 323 2.12 3.78 -5.82
N ILE B 324 1.02 3.25 -5.29
CA ILE B 324 -0.07 4.12 -4.84
C ILE B 324 0.22 4.69 -3.46
N HIS B 325 0.82 3.88 -2.57
CA HIS B 325 1.05 4.28 -1.19
C HIS B 325 2.50 4.66 -0.89
N SER B 326 3.43 4.46 -1.81
CA SER B 326 4.83 4.83 -1.57
C SER B 326 5.41 5.66 -2.70
N GLY B 327 5.06 5.37 -3.95
CA GLY B 327 5.53 6.22 -5.03
C GLY B 327 6.67 5.61 -5.83
N PHE B 328 6.65 4.29 -6.02
CA PHE B 328 7.67 3.65 -6.84
C PHE B 328 7.19 2.27 -7.27
N PHE B 329 7.63 1.87 -8.46
CA PHE B 329 7.41 0.53 -8.98
C PHE B 329 8.67 -0.30 -8.76
N PHE B 330 8.51 -1.46 -8.15
CA PHE B 330 9.62 -2.35 -7.87
C PHE B 330 9.70 -3.42 -8.94
N ASP B 331 10.80 -3.42 -9.69
CA ASP B 331 11.03 -4.47 -10.67
C ASP B 331 11.40 -5.77 -9.97
N ASN B 332 10.97 -6.88 -10.55
CA ASN B 332 11.19 -8.22 -9.98
C ASN B 332 10.62 -8.32 -8.57
N ASN B 333 9.45 -7.73 -8.36
CA ASN B 333 8.74 -7.90 -7.10
C ASN B 333 8.28 -9.36 -6.99
N SER B 334 8.86 -10.09 -6.04
CA SER B 334 8.55 -11.50 -5.88
C SER B 334 7.15 -11.76 -5.33
N HIS B 335 6.46 -10.72 -4.83
CA HIS B 335 5.14 -10.87 -4.23
C HIS B 335 4.05 -10.17 -5.04
N ASP B 336 4.28 -9.94 -6.33
CA ASP B 336 3.32 -9.21 -7.15
C ASP B 336 2.09 -10.07 -7.44
N ARG B 337 0.94 -9.42 -7.51
CA ARG B 337 -0.32 -10.13 -7.66
C ARG B 337 -1.35 -9.19 -8.26
N VAL B 338 -2.45 -9.80 -8.72
CA VAL B 338 -3.62 -9.08 -9.21
C VAL B 338 -4.86 -9.65 -8.53
N LYS B 339 -5.86 -8.80 -8.36
CA LYS B 339 -7.14 -9.27 -7.80
C LYS B 339 -7.92 -10.02 -8.86
N ILE B 340 -8.69 -11.01 -8.40
CA ILE B 340 -9.65 -11.71 -9.25
C ILE B 340 -10.89 -12.00 -8.41
N LYS B 341 -12.06 -11.75 -8.98
CA LYS B 341 -13.33 -11.90 -8.26
C LYS B 341 -13.98 -13.21 -8.68
N LEU B 342 -14.17 -14.11 -7.71
CA LEU B 342 -14.71 -15.43 -8.03
C LEU B 342 -15.75 -15.84 -7.01
N GLY B 343 -16.82 -16.46 -7.48
CA GLY B 343 -17.87 -16.94 -6.61
C GLY B 343 -18.66 -18.03 -7.29
N VAL B 344 -19.42 -18.76 -6.48
CA VAL B 344 -20.30 -19.82 -6.98
C VAL B 344 -21.62 -19.19 -7.37
N SER B 345 -22.09 -19.50 -8.58
CA SER B 345 -23.33 -18.91 -9.07
C SER B 345 -24.53 -19.50 -8.37
N LYS B 346 -25.49 -18.64 -8.01
CA LYS B 346 -26.72 -19.11 -7.39
C LYS B 346 -27.65 -19.79 -8.39
N SER B 347 -27.35 -19.72 -9.69
CA SER B 347 -28.10 -20.50 -10.66
C SER B 347 -27.63 -21.94 -10.73
N ASP B 348 -26.46 -22.25 -10.18
CA ASP B 348 -25.95 -23.61 -10.18
C ASP B 348 -26.86 -24.50 -9.34
N ARG B 349 -27.24 -25.64 -9.91
CA ARG B 349 -28.06 -26.60 -9.16
C ARG B 349 -27.28 -27.22 -8.01
N LEU B 350 -25.95 -27.16 -8.04
CA LEU B 350 -25.11 -27.66 -6.97
C LEU B 350 -24.60 -26.55 -6.07
N TYR B 351 -25.32 -25.42 -5.99
CA TYR B 351 -24.83 -24.29 -5.20
C TYR B 351 -24.74 -24.64 -3.73
N ALA B 352 -25.76 -25.33 -3.20
CA ALA B 352 -25.80 -25.59 -1.75
C ALA B 352 -24.66 -26.52 -1.32
N MET B 353 -24.42 -27.59 -2.08
CA MET B 353 -23.36 -28.52 -1.71
C MET B 353 -21.99 -27.87 -1.80
N LYS B 354 -21.75 -27.11 -2.88
CA LYS B 354 -20.48 -26.39 -3.00
C LYS B 354 -20.31 -25.39 -1.86
N ALA B 355 -21.38 -24.69 -1.50
CA ALA B 355 -21.32 -23.75 -0.40
C ALA B 355 -20.95 -24.46 0.90
N GLU B 356 -21.56 -25.62 1.15
CA GLU B 356 -21.27 -26.36 2.37
C GLU B 356 -19.84 -26.87 2.39
N VAL B 357 -19.34 -27.37 1.26
CA VAL B 357 -17.96 -27.84 1.19
C VAL B 357 -16.99 -26.68 1.43
N LEU B 358 -17.23 -25.54 0.76
CA LEU B 358 -16.37 -24.38 0.97
C LEU B 358 -16.40 -23.91 2.41
N ALA B 359 -17.58 -23.94 3.04
CA ALA B 359 -17.68 -23.56 4.44
C ALA B 359 -16.86 -24.49 5.33
N ARG B 360 -16.97 -25.80 5.10
CA ARG B 360 -16.18 -26.75 5.88
C ARG B 360 -14.69 -26.55 5.70
N ALA B 361 -14.26 -26.15 4.51
CA ALA B 361 -12.85 -25.88 4.25
C ALA B 361 -12.41 -24.51 4.74
N GLY B 362 -13.32 -23.71 5.29
CA GLY B 362 -12.96 -22.38 5.75
C GLY B 362 -12.77 -21.37 4.66
N ILE B 363 -13.48 -21.52 3.54
CA ILE B 363 -13.33 -20.66 2.37
C ILE B 363 -14.70 -20.08 2.04
N PRO B 364 -14.81 -18.77 1.82
CA PRO B 364 -16.11 -18.19 1.47
C PRO B 364 -16.61 -18.67 0.12
N THR B 365 -17.93 -18.59 -0.04
CA THR B 365 -18.55 -19.03 -1.29
C THR B 365 -18.24 -18.07 -2.43
N SER B 366 -18.02 -16.79 -2.12
CA SER B 366 -17.70 -15.77 -3.10
C SER B 366 -16.76 -14.77 -2.45
N SER B 367 -15.68 -14.42 -3.15
CA SER B 367 -14.67 -13.56 -2.56
C SER B 367 -13.71 -13.07 -3.65
N VAL B 368 -12.73 -12.29 -3.22
CA VAL B 368 -11.64 -11.81 -4.06
C VAL B 368 -10.39 -12.61 -3.71
N PHE B 369 -9.79 -13.22 -4.71
CA PHE B 369 -8.53 -13.95 -4.60
C PHE B 369 -7.45 -13.17 -5.32
N ALA B 370 -6.24 -13.70 -5.28
CA ALA B 370 -5.10 -13.06 -5.92
C ALA B 370 -4.43 -14.05 -6.85
N LEU B 371 -4.01 -13.54 -8.02
CA LEU B 371 -3.18 -14.29 -8.94
C LEU B 371 -1.76 -13.74 -8.83
N HIS B 372 -0.81 -14.62 -8.52
CA HIS B 372 0.57 -14.23 -8.29
C HIS B 372 1.42 -14.54 -9.51
N PHE B 373 2.47 -13.75 -9.70
CA PHE B 373 3.43 -14.08 -10.74
C PHE B 373 4.31 -15.26 -10.32
N THR B 374 4.84 -15.21 -9.10
CA THR B 374 5.73 -16.26 -8.63
C THR B 374 4.98 -17.57 -8.40
N GLU B 375 5.57 -18.67 -8.86
CA GLU B 375 4.98 -19.98 -8.67
C GLU B 375 4.72 -20.23 -7.18
N PRO B 376 3.55 -20.77 -6.82
CA PRO B 376 2.47 -21.06 -7.77
C PRO B 376 1.60 -19.84 -8.03
N PRO B 377 1.13 -19.69 -9.27
CA PRO B 377 0.30 -18.52 -9.61
C PRO B 377 -0.98 -18.41 -8.78
N ILE B 378 -1.54 -19.54 -8.33
CA ILE B 378 -2.73 -19.52 -7.50
C ILE B 378 -2.39 -20.17 -6.15
N SER B 379 -3.01 -19.64 -5.09
CA SER B 379 -2.73 -20.10 -3.74
C SER B 379 -3.49 -21.39 -3.44
N ALA B 380 -3.26 -21.94 -2.25
CA ALA B 380 -4.02 -23.11 -1.83
C ALA B 380 -5.50 -22.76 -1.68
N GLN B 381 -5.80 -21.56 -1.19
CA GLN B 381 -7.17 -21.12 -1.07
C GLN B 381 -7.87 -21.09 -2.43
N LEU B 382 -7.23 -20.47 -3.41
CA LEU B 382 -7.82 -20.37 -4.75
C LEU B 382 -7.92 -21.74 -5.41
N LEU B 383 -6.92 -22.60 -5.21
CA LEU B 383 -6.97 -23.93 -5.79
C LEU B 383 -8.13 -24.74 -5.23
N ALA B 384 -8.32 -24.70 -3.90
CA ALA B 384 -9.44 -25.40 -3.29
C ALA B 384 -10.77 -24.84 -3.77
N PHE B 385 -10.87 -23.51 -3.87
CA PHE B 385 -12.08 -22.91 -4.38
C PHE B 385 -12.38 -23.39 -5.80
N LEU B 386 -11.37 -23.41 -6.66
CA LEU B 386 -11.59 -23.82 -8.04
C LEU B 386 -11.98 -25.29 -8.12
N ARG B 387 -11.37 -26.12 -7.27
CA ARG B 387 -11.71 -27.54 -7.26
C ARG B 387 -13.17 -27.77 -6.85
N VAL B 388 -13.62 -27.07 -5.81
CA VAL B 388 -15.03 -27.18 -5.42
C VAL B 388 -15.93 -26.60 -6.52
N PHE B 389 -15.48 -25.52 -7.14
CA PHE B 389 -16.25 -24.84 -8.19
C PHE B 389 -16.53 -25.76 -9.36
N CYS B 390 -15.68 -26.76 -9.59
CA CYS B 390 -15.80 -27.64 -10.73
C CYS B 390 -16.16 -29.07 -10.35
N MET B 391 -16.61 -29.30 -9.11
CA MET B 391 -16.93 -30.65 -8.69
C MET B 391 -18.25 -31.12 -9.29
N THR B 392 -18.31 -32.40 -9.62
CA THR B 392 -19.58 -33.02 -9.97
C THR B 392 -20.39 -33.29 -8.71
N GLU B 393 -21.65 -33.67 -8.91
CA GLU B 393 -22.52 -33.95 -7.77
C GLU B 393 -22.00 -35.13 -6.96
N GLU B 394 -21.47 -36.15 -7.64
CA GLU B 394 -20.90 -37.29 -6.92
C GLU B 394 -19.69 -36.87 -6.10
N GLU B 395 -18.80 -36.05 -6.67
CA GLU B 395 -17.63 -35.61 -5.93
C GLU B 395 -18.02 -34.77 -4.73
N LEU B 396 -19.03 -33.92 -4.89
CA LEU B 396 -19.52 -33.15 -3.76
C LEU B 396 -20.08 -34.06 -2.67
N LYS B 397 -20.85 -35.08 -3.05
CA LYS B 397 -21.34 -36.04 -2.07
C LYS B 397 -20.19 -36.73 -1.35
N GLU B 398 -19.17 -37.14 -2.10
CA GLU B 398 -18.00 -37.77 -1.49
C GLU B 398 -17.28 -36.82 -0.54
N HIS B 399 -17.35 -35.51 -0.80
CA HIS B 399 -16.74 -34.55 0.10
C HIS B 399 -17.66 -34.11 1.23
N LEU B 400 -18.94 -34.47 1.19
CA LEU B 400 -19.88 -34.08 2.23
C LEU B 400 -20.28 -35.23 3.14
N LEU B 401 -20.26 -36.46 2.64
CA LEU B 401 -20.65 -37.62 3.44
C LEU B 401 -19.59 -38.70 3.32
N GLY B 402 -19.46 -39.48 4.38
CA GLY B 402 -18.56 -40.62 4.41
C GLY B 402 -17.38 -40.41 5.36
N ASP B 403 -16.69 -41.52 5.62
CA ASP B 403 -15.55 -41.50 6.53
C ASP B 403 -14.37 -40.74 5.94
N SER B 404 -14.19 -40.82 4.62
CA SER B 404 -13.05 -40.18 3.98
C SER B 404 -13.31 -38.72 3.62
N ALA B 405 -14.52 -38.22 3.87
CA ALA B 405 -14.91 -36.90 3.34
C ALA B 405 -14.05 -35.79 3.94
N ILE B 406 -13.86 -35.82 5.25
CA ILE B 406 -13.12 -34.75 5.91
C ILE B 406 -11.67 -34.74 5.47
N ASP B 407 -11.06 -35.93 5.24
CA ASP B 407 -9.70 -35.95 4.75
C ASP B 407 -9.61 -35.36 3.35
N ARG B 408 -10.57 -35.69 2.48
CA ARG B 408 -10.54 -35.17 1.11
C ARG B 408 -10.70 -33.64 1.10
N ILE B 409 -11.59 -33.10 1.94
CA ILE B 409 -11.68 -31.65 2.00
C ILE B 409 -10.46 -31.03 2.66
N PHE B 410 -9.74 -31.80 3.49
CA PHE B 410 -8.53 -31.25 4.10
C PHE B 410 -7.35 -31.22 3.14
N THR B 411 -7.32 -32.13 2.17
CA THR B 411 -6.29 -32.05 1.15
C THR B 411 -6.71 -31.20 -0.05
N LEU B 412 -7.80 -30.44 0.07
CA LEU B 412 -8.38 -29.76 -1.09
C LEU B 412 -7.45 -28.70 -1.66
N GLY B 413 -6.67 -28.03 -0.82
CA GLY B 413 -5.74 -27.02 -1.26
C GLY B 413 -4.36 -27.53 -1.60
N ASN B 414 -4.13 -28.84 -1.57
CA ASN B 414 -2.84 -29.42 -1.85
C ASN B 414 -2.78 -29.84 -3.32
N SER B 415 -1.71 -29.42 -4.02
CA SER B 415 -1.55 -29.79 -5.42
C SER B 415 -1.30 -31.28 -5.60
N GLU B 416 -0.67 -31.91 -4.60
CA GLU B 416 -0.31 -33.33 -4.66
C GLU B 416 -1.52 -34.26 -4.60
N PHE B 417 -2.67 -33.77 -4.14
CA PHE B 417 -3.84 -34.60 -3.89
C PHE B 417 -5.04 -34.03 -4.62
N PRO B 418 -5.13 -34.27 -5.93
CA PRO B 418 -6.28 -33.78 -6.70
C PRO B 418 -7.53 -34.58 -6.43
N VAL B 419 -8.68 -33.93 -6.67
CA VAL B 419 -9.96 -34.61 -6.53
C VAL B 419 -10.13 -35.67 -7.61
N SER B 420 -9.85 -35.30 -8.86
CA SER B 420 -9.86 -36.21 -10.01
C SER B 420 -9.17 -35.50 -11.16
N TRP B 421 -8.60 -36.29 -12.09
CA TRP B 421 -7.98 -35.69 -13.27
C TRP B 421 -8.98 -34.82 -14.01
N ASP B 422 -10.22 -35.29 -14.13
CA ASP B 422 -11.26 -34.55 -14.85
C ASP B 422 -11.55 -33.22 -14.18
N ASN B 423 -11.58 -33.20 -12.84
CA ASN B 423 -11.78 -31.95 -12.11
C ASN B 423 -10.64 -30.97 -12.40
N GLU B 424 -9.40 -31.47 -12.43
CA GLU B 424 -8.27 -30.60 -12.72
C GLU B 424 -8.36 -30.02 -14.12
N VAL B 425 -8.72 -30.86 -15.10
CA VAL B 425 -8.84 -30.38 -16.47
C VAL B 425 -9.91 -29.29 -16.56
N LYS B 426 -11.06 -29.53 -15.94
CA LYS B 426 -12.13 -28.54 -15.94
C LYS B 426 -11.68 -27.22 -15.31
N LEU B 427 -11.03 -27.30 -14.14
CA LEU B 427 -10.69 -26.07 -13.42
C LEU B 427 -9.60 -25.29 -14.14
N TRP B 428 -8.60 -25.98 -14.70
CA TRP B 428 -7.55 -25.26 -15.42
C TRP B 428 -8.08 -24.67 -16.72
N THR B 429 -9.01 -25.35 -17.38
CA THR B 429 -9.67 -24.76 -18.55
C THR B 429 -10.40 -23.47 -18.16
N PHE B 430 -11.19 -23.52 -17.08
CA PHE B 430 -11.91 -22.32 -16.65
C PHE B 430 -10.96 -21.19 -16.32
N LEU B 431 -9.88 -21.49 -15.60
CA LEU B 431 -8.93 -20.44 -15.21
C LEU B 431 -8.26 -19.83 -16.42
N GLU B 432 -7.83 -20.66 -17.38
CA GLU B 432 -7.22 -20.14 -18.60
C GLU B 432 -8.19 -19.21 -19.33
N ASP B 433 -9.44 -19.67 -19.53
CA ASP B 433 -10.41 -18.86 -20.25
C ASP B 433 -10.67 -17.54 -19.52
N ARG B 434 -10.79 -17.59 -18.19
CA ARG B 434 -11.06 -16.38 -17.42
C ARG B 434 -9.92 -15.39 -17.51
N ALA B 435 -8.67 -15.87 -17.37
CA ALA B 435 -7.54 -14.98 -17.45
C ALA B 435 -7.41 -14.37 -18.84
N SER B 436 -7.73 -15.15 -19.88
CA SER B 436 -7.68 -14.60 -21.24
C SER B 436 -8.73 -13.54 -21.45
N LEU B 437 -9.94 -13.75 -20.91
CA LEU B 437 -10.98 -12.73 -20.99
C LEU B 437 -10.55 -11.44 -20.29
N LEU B 438 -10.03 -11.58 -19.07
CA LEU B 438 -9.55 -10.42 -18.34
C LEU B 438 -8.48 -9.68 -19.14
N LEU B 439 -7.55 -10.42 -19.76
CA LEU B 439 -6.59 -9.80 -20.66
C LEU B 439 -7.30 -9.02 -21.76
N LYS B 440 -8.36 -9.60 -22.34
CA LYS B 440 -9.10 -8.90 -23.38
C LYS B 440 -9.72 -7.61 -22.89
N THR B 441 -9.93 -7.46 -21.57
CA THR B 441 -10.54 -6.23 -21.08
C THR B 441 -9.58 -5.06 -20.91
N TYR B 442 -8.31 -5.18 -21.27
CA TYR B 442 -7.35 -4.09 -21.12
C TYR B 442 -7.22 -3.31 -22.42
N LYS B 443 -6.99 -2.00 -22.29
CA LYS B 443 -6.92 -1.11 -23.46
C LYS B 443 -5.73 -1.42 -24.36
N THR B 444 -4.61 -1.83 -23.78
CA THR B 444 -3.41 -2.10 -24.55
C THR B 444 -3.00 -3.56 -24.35
N THR B 445 -2.11 -4.02 -25.24
CA THR B 445 -1.53 -5.34 -25.13
C THR B 445 -0.17 -5.25 -24.44
N ILE B 446 0.37 -6.42 -24.10
CA ILE B 446 1.68 -6.47 -23.44
C ILE B 446 2.76 -5.92 -24.37
N GLU B 447 2.72 -6.28 -25.65
CA GLU B 447 3.75 -5.84 -26.57
C GLU B 447 3.67 -4.34 -26.86
N GLU B 448 2.47 -3.78 -26.87
CA GLU B 448 2.34 -2.31 -26.95
C GLU B 448 3.06 -1.64 -25.79
N ASP B 449 2.81 -2.12 -24.57
CA ASP B 449 3.44 -1.53 -23.39
C ASP B 449 4.96 -1.67 -23.44
N LYS B 450 5.44 -2.85 -23.84
CA LYS B 450 6.87 -3.06 -23.95
C LYS B 450 7.48 -2.12 -24.99
N SER B 451 6.82 -1.96 -26.14
CA SER B 451 7.29 -1.03 -27.17
C SER B 451 7.35 0.40 -26.64
N VAL B 452 6.32 0.83 -25.90
CA VAL B 452 6.30 2.18 -25.36
C VAL B 452 7.44 2.37 -24.36
N LEU B 453 7.64 1.40 -23.48
CA LEU B 453 8.69 1.52 -22.47
C LEU B 453 10.08 1.47 -23.09
N LYS B 454 10.22 0.78 -24.23
CA LYS B 454 11.53 0.61 -24.84
C LYS B 454 11.91 1.81 -25.71
N ASN B 455 10.95 2.32 -26.50
CA ASN B 455 11.24 3.30 -27.53
C ASN B 455 10.89 4.73 -27.13
N HIS B 456 10.10 4.92 -26.08
CA HIS B 456 9.65 6.24 -25.65
C HIS B 456 10.32 6.63 -24.34
N ASP B 457 10.71 7.90 -24.24
CA ASP B 457 11.18 8.46 -22.98
C ASP B 457 10.01 9.21 -22.36
N LEU B 458 9.64 8.81 -21.14
CA LEU B 458 8.50 9.37 -20.45
C LEU B 458 8.92 9.79 -19.05
N SER B 459 8.02 10.50 -18.37
CA SER B 459 8.26 10.89 -16.99
C SER B 459 8.41 9.64 -16.12
N VAL B 460 8.99 9.83 -14.93
CA VAL B 460 9.09 8.74 -13.98
C VAL B 460 7.72 8.19 -13.67
N ARG B 461 6.74 9.08 -13.49
CA ARG B 461 5.39 8.65 -13.13
C ARG B 461 4.71 7.92 -14.27
N ALA B 462 4.92 8.38 -15.51
CA ALA B 462 4.35 7.68 -16.67
C ALA B 462 4.97 6.30 -16.82
N LYS B 463 6.29 6.20 -16.61
CA LYS B 463 6.94 4.89 -16.62
C LYS B 463 6.34 3.98 -15.56
N MET B 464 6.07 4.53 -14.37
CA MET B 464 5.47 3.73 -13.30
C MET B 464 4.09 3.22 -13.71
N ALA B 465 3.25 4.10 -14.27
CA ALA B 465 1.90 3.70 -14.66
C ALA B 465 1.94 2.61 -15.73
N ILE B 466 2.80 2.78 -16.73
CA ILE B 466 2.84 1.81 -17.83
C ILE B 466 3.42 0.48 -17.36
N LYS B 467 4.47 0.52 -16.54
CA LYS B 467 4.98 -0.72 -15.98
C LYS B 467 3.95 -1.40 -15.10
N LEU B 468 3.09 -0.63 -14.43
CA LEU B 468 2.07 -1.22 -13.58
C LEU B 468 1.02 -1.96 -14.41
N ARG B 469 0.50 -1.30 -15.45
CA ARG B 469 -0.49 -1.98 -16.30
C ARG B 469 0.13 -3.18 -17.00
N LEU B 470 1.40 -3.05 -17.42
CA LEU B 470 2.10 -4.16 -18.03
C LEU B 470 2.24 -5.32 -17.06
N GLY B 471 2.52 -5.02 -15.78
CA GLY B 471 2.64 -6.08 -14.80
C GLY B 471 1.33 -6.80 -14.55
N GLU B 472 0.23 -6.05 -14.49
CA GLU B 472 -1.10 -6.68 -14.40
C GLU B 472 -1.30 -7.66 -15.55
N LYS B 473 -1.13 -7.19 -16.78
CA LYS B 473 -1.36 -8.07 -17.93
C LYS B 473 -0.35 -9.22 -17.98
N GLU B 474 0.87 -9.01 -17.47
CA GLU B 474 1.87 -10.07 -17.48
C GLU B 474 1.50 -11.17 -16.49
N ILE B 475 1.00 -10.78 -15.32
CA ILE B 475 0.48 -11.78 -14.37
C ILE B 475 -0.65 -12.57 -14.99
N LEU B 476 -1.57 -11.88 -15.68
CA LEU B 476 -2.66 -12.58 -16.34
C LEU B 476 -2.15 -13.54 -17.42
N GLU B 477 -1.17 -13.11 -18.21
CA GLU B 477 -0.63 -13.97 -19.27
C GLU B 477 0.06 -15.19 -18.70
N LYS B 478 0.84 -14.99 -17.63
CA LYS B 478 1.49 -16.14 -16.99
C LYS B 478 0.46 -17.09 -16.41
N ALA B 479 -0.64 -16.56 -15.88
CA ALA B 479 -1.73 -17.42 -15.43
C ALA B 479 -2.30 -18.22 -16.60
N VAL B 480 -2.52 -17.57 -17.74
CA VAL B 480 -3.02 -18.26 -18.92
C VAL B 480 -2.10 -19.44 -19.26
N LYS B 481 -0.81 -19.17 -19.37
CA LYS B 481 0.13 -20.21 -19.81
C LYS B 481 0.26 -21.31 -18.76
N SER B 482 0.30 -20.96 -17.48
CA SER B 482 0.36 -21.98 -16.44
C SER B 482 -0.88 -22.86 -16.46
N ALA B 483 -2.06 -22.23 -16.62
CA ALA B 483 -3.29 -23.01 -16.67
C ALA B 483 -3.31 -23.94 -17.87
N ALA B 484 -2.81 -23.46 -19.02
CA ALA B 484 -2.75 -24.32 -20.20
C ALA B 484 -1.80 -25.50 -19.97
N VAL B 485 -0.64 -25.25 -19.38
CA VAL B 485 0.32 -26.33 -19.14
C VAL B 485 -0.26 -27.35 -18.17
N ASN B 486 -0.93 -26.89 -17.11
CA ASN B 486 -1.53 -27.82 -16.15
C ASN B 486 -2.67 -28.60 -16.78
N ARG B 487 -3.52 -27.93 -17.56
CA ARG B 487 -4.59 -28.61 -18.28
C ARG B 487 -4.03 -29.72 -19.16
N GLU B 488 -2.96 -29.44 -19.89
CA GLU B 488 -2.38 -30.44 -20.76
C GLU B 488 -1.75 -31.58 -19.96
N TYR B 489 -1.09 -31.24 -18.85
CA TYR B 489 -0.48 -32.26 -18.00
C TYR B 489 -1.53 -33.23 -17.49
N TYR B 490 -2.65 -32.71 -16.97
CA TYR B 490 -3.67 -33.59 -16.43
C TYR B 490 -4.42 -34.34 -17.53
N ARG B 491 -4.61 -33.72 -18.69
CA ARG B 491 -5.17 -34.45 -19.83
C ARG B 491 -4.29 -35.63 -20.21
N GLN B 492 -2.98 -35.42 -20.26
CA GLN B 492 -2.05 -36.50 -20.60
C GLN B 492 -2.05 -37.61 -19.56
N GLN B 493 -2.06 -37.24 -18.27
CA GLN B 493 -2.17 -38.26 -17.23
C GLN B 493 -3.47 -39.05 -17.39
N MET B 494 -4.55 -38.37 -17.79
CA MET B 494 -5.83 -39.05 -17.97
C MET B 494 -5.80 -39.99 -19.16
N GLU B 495 -5.02 -39.67 -20.20
CA GLU B 495 -4.99 -40.51 -21.39
C GLU B 495 -4.30 -41.84 -21.14
N GLU B 496 -3.27 -41.86 -20.29
CA GLU B 496 -2.58 -43.10 -19.97
C GLU B 496 -3.37 -43.93 -18.98
N SAH C . 14.73 7.27 -0.61
CA SAH C . 13.82 7.87 0.36
CB SAH C . 13.84 7.07 1.66
CG SAH C . 12.92 5.85 1.66
SD SAH C . 11.19 6.32 1.90
C SAH C . 14.17 9.33 0.62
O SAH C . 15.10 9.87 0.02
OXT SAH C . 13.53 10.01 1.43
C5' SAH C . 10.64 5.38 0.45
C4' SAH C . 10.84 6.15 -0.85
O4' SAH C . 12.11 5.83 -1.40
C3' SAH C . 9.78 5.82 -1.89
O3' SAH C . 8.89 6.90 -2.05
C2' SAH C . 10.56 5.60 -3.17
O2' SAH C . 10.47 6.76 -3.97
C1' SAH C . 12.00 5.43 -2.74
N9 SAH C . 12.43 4.02 -2.83
C8 SAH C . 12.53 3.15 -1.77
N7 SAH C . 12.96 1.95 -2.23
C5 SAH C . 13.14 2.03 -3.56
C6 SAH C . 13.56 1.10 -4.51
N6 SAH C . 13.87 -0.14 -4.14
N1 SAH C . 13.65 1.47 -5.84
C2 SAH C . 13.33 2.76 -6.21
N3 SAH C . 12.91 3.69 -5.27
C4 SAH C . 12.82 3.32 -3.96
#